data_6P2B
#
_entry.id   6P2B
#
_cell.length_a   84.992
_cell.length_b   89.547
_cell.length_c   107.531
_cell.angle_alpha   90.00
_cell.angle_beta   90.00
_cell.angle_gamma   90.00
#
_symmetry.space_group_name_H-M   'P 21 21 21'
#
loop_
_entity.id
_entity.type
_entity.pdbx_description
1 polymer 'Nuclear receptor subfamily 1 group I member 2'
2 non-polymer '(2Z,6E,10E)-13-[(2R)-6-hydroxy-2,8-dimethyl-3,4-dihydro-2H-1-benzopyran-2-yl]-2,6,10-trimethyltrideca-2,6,10-trienoic acid'
3 non-polymer 'DIMETHYL SULFOXIDE'
4 water water
#
_entity_poly.entity_id   1
_entity_poly.type   'polypeptide(L)'
_entity_poly.pdbx_seq_one_letter_code
;MKKGHHHHHHGSERTGTQPLGVQGLTEEQRMMIRELMDAQMKTFDTTFSHFKNFRLPGVLSSGCELPESLQAPSREEAAK
WSQVRKDLCSLKVSLQLRGEDGSVWNYKPPADSGGKEIFSLLPHMADMSTYMFKGIISFAKVISYFRDLPIEDQISLLKG
AAFELCQLRFNTVFNAETGTWECGRLSYCLEDTAGGFQQLLLEPMLKFHYMLKKLQLHEEEYVLMQAISLFSPDRPGVLQ
HRVVDQLQEQFAITLKSYIECNRPQPAHRFLFLKIMAMLTELRSINAQHTQRLLRIQDIHPFATPLMQELFGITGSGGSG
GSSHSSLTERHKILHRLLQEGSPS
;
_entity_poly.pdbx_strand_id   A,B
#
loop_
_chem_comp.id
_chem_comp.type
_chem_comp.name
_chem_comp.formula
DMS non-polymer 'DIMETHYL SULFOXIDE' 'C2 H6 O S'
NQD non-polymer '(2Z,6E,10E)-13-[(2R)-6-hydroxy-2,8-dimethyl-3,4-dihydro-2H-1-benzopyran-2-yl]-2,6,10-trimethyltrideca-2,6,10-trienoic acid' 'C27 H38 O4'
#
# COMPACT_ATOMS: atom_id res chain seq x y z
N GLY A 24 -49.91 -6.52 16.65
CA GLY A 24 -49.05 -5.58 15.95
C GLY A 24 -48.47 -4.48 16.81
N LEU A 25 -47.86 -3.49 16.17
CA LEU A 25 -47.26 -2.37 16.87
C LEU A 25 -48.25 -1.21 16.93
N THR A 26 -48.19 -0.46 18.03
CA THR A 26 -49.01 0.74 18.15
C THR A 26 -48.63 1.70 17.02
N GLU A 27 -49.31 2.85 16.95
CA GLU A 27 -49.05 3.79 15.88
C GLU A 27 -47.79 4.59 16.15
N GLU A 28 -47.63 5.06 17.40
CA GLU A 28 -46.41 5.75 17.78
C GLU A 28 -45.19 4.88 17.49
N GLN A 29 -45.26 3.61 17.89
CA GLN A 29 -44.15 2.70 17.70
C GLN A 29 -43.80 2.55 16.22
N ARG A 30 -44.81 2.45 15.35
CA ARG A 30 -44.51 2.41 13.93
C ARG A 30 -43.88 3.71 13.46
N MET A 31 -44.35 4.85 14.00
CA MET A 31 -43.81 6.14 13.62
C MET A 31 -42.41 6.34 14.17
N MET A 32 -42.16 5.86 15.39
CA MET A 32 -40.85 5.99 15.99
C MET A 32 -39.80 5.18 15.22
N ILE A 33 -40.18 4.01 14.74
CA ILE A 33 -39.28 3.22 13.90
C ILE A 33 -39.03 3.92 12.57
N ARG A 34 -40.09 4.48 11.98
CA ARG A 34 -39.98 5.24 10.74
C ARG A 34 -39.00 6.39 10.88
N GLU A 35 -39.10 7.14 11.97
CA GLU A 35 -38.19 8.26 12.16
C GLU A 35 -36.74 7.79 12.29
N LEU A 36 -36.51 6.67 13.00
CA LEU A 36 -35.15 6.17 13.17
C LEU A 36 -34.59 5.59 11.87
N MET A 37 -35.42 4.89 11.10
CA MET A 37 -34.96 4.37 9.81
C MET A 37 -34.67 5.51 8.83
N ASP A 38 -35.53 6.54 8.83
N ASP A 38 -35.49 6.56 8.86
CA ASP A 38 -35.28 7.74 8.04
CA ASP A 38 -35.23 7.68 7.97
C ASP A 38 -33.94 8.35 8.41
C ASP A 38 -33.97 8.43 8.39
N ALA A 39 -33.73 8.57 9.71
CA ALA A 39 -32.48 9.19 10.15
C ALA A 39 -31.26 8.33 9.80
N GLN A 40 -31.38 7.01 9.92
CA GLN A 40 -30.30 6.12 9.52
C GLN A 40 -30.05 6.17 8.01
N MET A 41 -31.10 6.15 7.20
CA MET A 41 -30.92 6.25 5.76
C MET A 41 -30.20 7.55 5.37
N LYS A 42 -30.56 8.66 6.02
CA LYS A 42 -30.01 9.97 5.67
C LYS A 42 -28.55 10.17 6.09
N THR A 43 -28.08 9.42 7.10
CA THR A 43 -26.82 9.76 7.72
C THR A 43 -25.84 8.61 7.78
N PHE A 44 -26.21 7.42 7.36
CA PHE A 44 -25.26 6.30 7.31
C PHE A 44 -24.91 6.06 5.85
N ASP A 45 -23.68 6.42 5.50
CA ASP A 45 -23.07 6.24 4.18
C ASP A 45 -22.59 4.79 4.10
N THR A 46 -23.46 3.88 3.70
CA THR A 46 -23.12 2.46 3.87
C THR A 46 -22.02 2.01 2.93
N THR A 47 -21.75 2.75 1.86
CA THR A 47 -20.66 2.47 0.92
C THR A 47 -19.42 3.32 1.19
N PHE A 48 -19.43 4.15 2.22
CA PHE A 48 -18.29 5.00 2.61
C PHE A 48 -17.78 5.83 1.42
N SER A 49 -18.66 6.17 0.47
CA SER A 49 -18.24 6.88 -0.73
C SER A 49 -17.68 8.27 -0.43
N HIS A 50 -18.09 8.87 0.68
CA HIS A 50 -17.65 10.23 0.98
C HIS A 50 -16.59 10.27 2.07
N PHE A 51 -16.04 9.12 2.44
CA PHE A 51 -14.85 9.09 3.27
C PHE A 51 -13.66 9.35 2.35
N LYS A 52 -13.01 10.49 2.51
CA LYS A 52 -11.94 10.90 1.60
C LYS A 52 -10.89 11.65 2.39
N ASN A 53 -9.75 11.90 1.73
CA ASN A 53 -8.70 12.76 2.29
C ASN A 53 -8.13 12.20 3.59
N PHE A 54 -8.11 10.89 3.74
CA PHE A 54 -7.67 10.29 4.98
C PHE A 54 -6.17 10.08 4.95
N ARG A 55 -5.55 10.07 6.13
CA ARG A 55 -4.14 9.72 6.25
C ARG A 55 -3.94 8.23 6.00
N LEU A 56 -2.75 7.88 5.51
CA LEU A 56 -2.35 6.51 5.29
C LEU A 56 -0.96 6.26 5.87
N PRO A 57 -0.65 5.02 6.25
CA PRO A 57 0.73 4.71 6.64
C PRO A 57 1.65 5.03 5.47
N GLY A 58 2.76 5.74 5.76
CA GLY A 58 3.62 6.23 4.71
C GLY A 58 4.43 5.12 4.06
N VAL A 59 5.07 5.46 2.95
CA VAL A 59 5.93 4.52 2.23
C VAL A 59 7.36 4.56 2.77
N PRO A 73 14.95 5.58 28.80
CA PRO A 73 13.50 5.44 29.00
C PRO A 73 13.15 5.24 30.48
N SER A 74 12.62 6.27 31.14
CA SER A 74 12.31 6.22 32.58
C SER A 74 11.66 4.90 32.97
N ARG A 75 11.75 4.54 34.26
CA ARG A 75 11.21 3.25 34.69
C ARG A 75 9.70 3.18 34.45
N GLU A 76 8.97 4.25 34.74
CA GLU A 76 7.53 4.28 34.55
C GLU A 76 7.10 4.98 33.27
N GLU A 77 8.04 5.38 32.43
CA GLU A 77 7.74 5.73 31.05
C GLU A 77 7.77 4.50 30.15
N ALA A 78 8.66 3.55 30.44
CA ALA A 78 8.66 2.28 29.73
C ALA A 78 7.55 1.34 30.19
N ALA A 79 7.09 1.49 31.44
CA ALA A 79 5.88 0.79 31.86
C ALA A 79 4.67 1.22 31.05
N LYS A 80 4.60 2.50 30.68
CA LYS A 80 3.53 3.00 29.83
C LYS A 80 3.49 2.26 28.50
N TRP A 81 4.66 2.11 27.86
CA TRP A 81 4.72 1.48 26.54
C TRP A 81 4.33 0.01 26.60
N SER A 82 4.85 -0.74 27.57
CA SER A 82 4.44 -2.13 27.69
C SER A 82 2.94 -2.24 27.91
N GLN A 83 2.32 -1.23 28.52
CA GLN A 83 0.87 -1.27 28.65
C GLN A 83 0.18 -0.97 27.32
N VAL A 84 0.70 -0.01 26.55
CA VAL A 84 0.11 0.30 25.25
C VAL A 84 0.25 -0.88 24.28
N ARG A 85 1.31 -1.67 24.39
CA ARG A 85 1.41 -2.88 23.57
C ARG A 85 0.35 -3.90 23.97
N LYS A 86 0.05 -4.00 25.26
CA LYS A 86 -1.03 -4.88 25.71
C LYS A 86 -2.39 -4.41 25.18
N ASP A 87 -2.55 -3.10 24.95
CA ASP A 87 -3.81 -2.58 24.43
C ASP A 87 -4.02 -3.02 22.98
N LEU A 88 -3.14 -2.60 22.08
CA LEU A 88 -3.18 -2.88 20.65
C LEU A 88 -2.81 -4.34 20.27
N CYS A 89 -2.69 -5.35 21.13
CA CYS A 89 -2.07 -6.59 20.69
C CYS A 89 -3.03 -7.50 19.94
N SER A 90 -4.30 -7.52 20.34
CA SER A 90 -5.30 -8.34 19.66
C SER A 90 -6.05 -7.57 18.58
N LEU A 91 -5.96 -6.24 18.56
CA LEU A 91 -6.67 -5.41 17.58
C LEU A 91 -5.73 -5.01 16.45
N LYS A 92 -5.35 -6.00 15.64
CA LYS A 92 -4.44 -5.78 14.53
C LYS A 92 -5.14 -6.13 13.21
N VAL A 93 -5.16 -5.17 12.30
CA VAL A 93 -5.85 -5.31 11.05
C VAL A 93 -4.88 -4.94 9.93
N SER A 94 -5.09 -5.56 8.78
CA SER A 94 -4.55 -5.08 7.53
C SER A 94 -5.58 -4.20 6.83
N LEU A 95 -5.12 -3.45 5.85
CA LEU A 95 -5.97 -2.48 5.17
C LEU A 95 -5.95 -2.76 3.68
N GLN A 96 -7.12 -2.76 3.05
CA GLN A 96 -7.22 -2.92 1.62
C GLN A 96 -7.97 -1.72 1.03
N LEU A 97 -7.40 -1.15 -0.03
CA LEU A 97 -8.00 -0.04 -0.78
C LEU A 97 -8.17 -0.46 -2.23
N ARG A 98 -9.42 -0.65 -2.64
CA ARG A 98 -9.71 -1.01 -4.02
C ARG A 98 -9.94 0.25 -4.84
N GLY A 99 -9.22 0.37 -5.93
CA GLY A 99 -9.37 1.51 -6.78
C GLY A 99 -10.50 1.32 -7.78
N GLU A 100 -11.00 2.47 -8.26
CA GLU A 100 -11.99 2.51 -9.33
C GLU A 100 -11.64 1.57 -10.49
N ASP A 101 -10.39 1.62 -10.94
CA ASP A 101 -9.96 0.95 -12.17
C ASP A 101 -9.75 -0.55 -12.02
N GLY A 102 -9.86 -1.14 -10.83
CA GLY A 102 -9.60 -2.55 -10.62
C GLY A 102 -8.37 -2.86 -9.77
N SER A 103 -7.48 -1.90 -9.54
CA SER A 103 -6.26 -2.18 -8.78
C SER A 103 -6.54 -2.27 -7.28
N VAL A 104 -5.63 -2.92 -6.57
CA VAL A 104 -5.75 -3.12 -5.12
C VAL A 104 -4.42 -2.77 -4.46
N TRP A 105 -4.44 -1.75 -3.58
CA TRP A 105 -3.39 -1.51 -2.60
C TRP A 105 -3.72 -2.22 -1.29
N ASN A 106 -2.76 -2.98 -0.76
CA ASN A 106 -2.94 -3.75 0.47
C ASN A 106 -1.81 -3.39 1.43
N TYR A 107 -2.16 -3.05 2.67
CA TYR A 107 -1.19 -2.69 3.70
C TYR A 107 -1.21 -3.74 4.81
N LYS A 108 -0.10 -4.46 4.95
CA LYS A 108 0.09 -5.35 6.09
C LYS A 108 0.89 -4.62 7.16
N PRO A 109 0.44 -4.61 8.41
CA PRO A 109 1.11 -3.82 9.44
C PRO A 109 2.37 -4.52 9.92
N PRO A 110 3.32 -3.78 10.50
CA PRO A 110 4.56 -4.39 10.97
C PRO A 110 4.31 -5.25 12.20
N ALA A 111 5.15 -6.28 12.34
CA ALA A 111 5.23 -7.01 13.59
C ALA A 111 5.74 -6.10 14.70
N ASP A 112 5.31 -6.39 15.93
CA ASP A 112 5.73 -5.57 17.06
C ASP A 112 7.21 -5.79 17.32
N SER A 113 8.00 -4.74 17.18
CA SER A 113 9.35 -4.70 17.73
C SER A 113 9.30 -3.92 19.04
N GLY A 114 9.45 -2.61 18.92
CA GLY A 114 9.28 -1.71 20.04
C GLY A 114 9.37 -0.28 19.54
N GLY A 115 8.32 0.50 19.76
CA GLY A 115 8.31 1.89 19.35
C GLY A 115 7.22 2.17 18.35
N LYS A 116 7.52 3.10 17.44
CA LYS A 116 6.49 3.71 16.60
C LYS A 116 5.74 2.71 15.72
N GLU A 117 6.32 1.52 15.48
CA GLU A 117 5.73 0.59 14.52
C GLU A 117 4.24 0.39 14.78
N ILE A 118 3.86 0.20 16.05
CA ILE A 118 2.52 -0.28 16.37
C ILE A 118 1.44 0.79 16.23
N PHE A 119 1.80 2.01 15.86
CA PHE A 119 0.85 3.11 15.71
C PHE A 119 0.66 3.50 14.26
N SER A 120 1.22 2.75 13.31
CA SER A 120 1.27 3.20 11.92
C SER A 120 -0.13 3.38 11.33
N LEU A 121 -1.11 2.62 11.79
CA LEU A 121 -2.46 2.72 11.27
C LEU A 121 -3.37 3.66 12.07
N LEU A 122 -2.87 4.22 13.17
CA LEU A 122 -3.72 4.98 14.10
C LEU A 122 -4.17 6.31 13.49
N PRO A 123 -3.32 7.02 12.75
CA PRO A 123 -3.85 8.22 12.06
C PRO A 123 -4.95 7.90 11.07
N HIS A 124 -4.80 6.83 10.28
CA HIS A 124 -5.88 6.43 9.39
C HIS A 124 -7.16 6.13 10.18
N MET A 125 -7.03 5.36 11.24
CA MET A 125 -8.22 4.94 11.99
C MET A 125 -8.87 6.12 12.70
N ALA A 126 -8.06 7.10 13.11
CA ALA A 126 -8.61 8.33 13.66
C ALA A 126 -9.46 9.05 12.64
N ASP A 127 -9.02 9.07 11.38
CA ASP A 127 -9.80 9.69 10.32
C ASP A 127 -11.10 8.93 10.06
N MET A 128 -11.05 7.59 10.02
CA MET A 128 -12.28 6.81 9.86
C MET A 128 -13.25 7.04 11.02
N SER A 129 -12.75 6.94 12.27
CA SER A 129 -13.59 7.22 13.44
C SER A 129 -14.24 8.59 13.36
N THR A 130 -13.44 9.61 13.09
CA THR A 130 -13.95 10.98 13.01
C THR A 130 -15.05 11.09 11.97
N TYR A 131 -14.87 10.46 10.81
CA TYR A 131 -15.90 10.46 9.78
C TYR A 131 -17.14 9.68 10.24
N MET A 132 -16.97 8.58 10.96
CA MET A 132 -18.13 7.86 11.51
C MET A 132 -18.87 8.71 12.54
N PHE A 133 -18.14 9.39 13.44
CA PHE A 133 -18.75 10.22 14.47
C PHE A 133 -19.59 11.34 13.85
N LYS A 134 -19.07 12.01 12.82
CA LYS A 134 -19.87 13.02 12.15
C LYS A 134 -21.22 12.47 11.67
N GLY A 135 -21.24 11.22 11.18
CA GLY A 135 -22.50 10.62 10.77
C GLY A 135 -23.37 10.26 11.96
N ILE A 136 -22.75 9.90 13.09
CA ILE A 136 -23.52 9.65 14.32
C ILE A 136 -24.16 10.94 14.80
N ILE A 137 -23.37 12.02 14.86
CA ILE A 137 -23.89 13.33 15.27
C ILE A 137 -25.07 13.74 14.41
N SER A 138 -24.95 13.58 13.08
CA SER A 138 -26.07 13.90 12.20
C SER A 138 -27.26 12.97 12.41
N PHE A 139 -26.99 11.70 12.69
CA PHE A 139 -28.07 10.79 13.05
C PHE A 139 -28.86 11.32 14.24
N ALA A 140 -28.15 11.77 15.29
CA ALA A 140 -28.82 12.22 16.49
C ALA A 140 -29.64 13.48 16.23
N LYS A 141 -29.03 14.47 15.53
CA LYS A 141 -29.71 15.72 15.16
C LYS A 141 -31.05 15.49 14.46
N VAL A 142 -31.15 14.45 13.63
CA VAL A 142 -32.38 14.17 12.88
C VAL A 142 -33.54 13.72 13.78
N ILE A 143 -33.26 13.20 14.96
CA ILE A 143 -34.28 12.52 15.77
C ILE A 143 -34.99 13.56 16.60
N SER A 144 -36.31 13.67 16.43
CA SER A 144 -37.07 14.69 17.15
C SER A 144 -36.83 14.60 18.66
N TYR A 145 -36.79 13.38 19.21
CA TYR A 145 -36.65 13.24 20.66
C TYR A 145 -35.29 13.72 21.15
N PHE A 146 -34.26 13.62 20.31
CA PHE A 146 -32.95 14.12 20.71
C PHE A 146 -32.89 15.63 20.57
N ARG A 147 -33.40 16.14 19.46
CA ARG A 147 -33.50 17.59 19.24
C ARG A 147 -34.13 18.29 20.45
N ASP A 148 -35.26 17.82 20.90
CA ASP A 148 -35.99 18.59 21.89
C ASP A 148 -35.35 18.56 23.26
N LEU A 149 -34.17 17.96 23.38
CA LEU A 149 -33.39 17.95 24.61
C LEU A 149 -32.47 19.17 24.66
N PRO A 150 -32.09 19.60 25.86
CA PRO A 150 -31.20 20.76 25.98
C PRO A 150 -29.78 20.46 25.49
N ILE A 151 -29.16 21.47 24.86
CA ILE A 151 -27.92 21.30 24.13
C ILE A 151 -26.87 20.59 24.98
N GLU A 152 -26.83 20.90 26.28
CA GLU A 152 -25.78 20.30 27.10
C GLU A 152 -25.97 18.80 27.28
N ASP A 153 -27.23 18.34 27.31
CA ASP A 153 -27.49 16.90 27.38
C ASP A 153 -27.24 16.23 26.04
N GLN A 154 -27.59 16.90 24.94
CA GLN A 154 -27.23 16.40 23.62
C GLN A 154 -25.74 16.13 23.54
N ILE A 155 -24.93 17.03 24.12
CA ILE A 155 -23.49 16.88 24.11
C ILE A 155 -23.06 15.69 24.96
N SER A 156 -23.66 15.55 26.15
CA SER A 156 -23.25 14.49 27.07
C SER A 156 -23.63 13.12 26.52
N LEU A 157 -24.81 13.01 25.92
CA LEU A 157 -25.25 11.74 25.35
C LEU A 157 -24.33 11.32 24.20
N LEU A 158 -24.11 12.21 23.24
CA LEU A 158 -23.24 11.92 22.10
C LEU A 158 -21.83 11.60 22.56
N LYS A 159 -21.34 12.34 23.56
CA LYS A 159 -20.05 12.05 24.16
C LYS A 159 -20.04 10.62 24.74
N GLY A 160 -21.12 10.24 25.43
CA GLY A 160 -21.17 8.91 26.02
C GLY A 160 -21.37 7.78 25.03
N ALA A 161 -22.03 8.05 23.89
CA ALA A 161 -22.54 7.02 23.00
C ALA A 161 -21.87 6.93 21.63
N ALA A 162 -21.04 7.89 21.26
CA ALA A 162 -20.57 7.98 19.88
C ALA A 162 -19.80 6.73 19.47
N PHE A 163 -18.94 6.22 20.33
CA PHE A 163 -18.18 5.03 20.01
C PHE A 163 -19.07 3.80 19.89
N GLU A 164 -20.16 3.77 20.65
CA GLU A 164 -21.05 2.61 20.66
C GLU A 164 -21.85 2.53 19.38
N LEU A 165 -22.41 3.66 18.94
CA LEU A 165 -23.15 3.71 17.69
C LEU A 165 -22.24 3.47 16.48
N CYS A 166 -20.99 3.93 16.55
CA CYS A 166 -20.01 3.62 15.51
CA CYS A 166 -20.00 3.61 15.53
C CYS A 166 -19.80 2.10 15.40
N GLN A 167 -19.61 1.43 16.56
CA GLN A 167 -19.42 -0.03 16.54
C GLN A 167 -20.65 -0.74 16.00
N LEU A 168 -21.85 -0.25 16.32
CA LEU A 168 -23.09 -0.85 15.83
C LEU A 168 -23.22 -0.69 14.32
N ARG A 169 -22.89 0.48 13.78
CA ARG A 169 -22.85 0.65 12.34
C ARG A 169 -21.79 -0.26 11.71
N PHE A 170 -20.57 -0.28 12.28
CA PHE A 170 -19.51 -1.16 11.77
C PHE A 170 -19.95 -2.62 11.73
N ASN A 171 -20.68 -3.07 12.75
CA ASN A 171 -21.16 -4.45 12.72
C ASN A 171 -22.00 -4.75 11.50
N THR A 172 -22.72 -3.78 10.95
CA THR A 172 -23.54 -4.11 9.79
C THR A 172 -22.72 -4.34 8.52
N VAL A 173 -21.45 -3.96 8.51
CA VAL A 173 -20.59 -4.23 7.37
C VAL A 173 -19.51 -5.23 7.72
N PHE A 174 -19.65 -5.91 8.85
CA PHE A 174 -18.73 -6.96 9.26
C PHE A 174 -19.09 -8.27 8.56
N ASN A 175 -18.11 -8.86 7.92
CA ASN A 175 -18.22 -10.18 7.31
C ASN A 175 -17.52 -11.16 8.26
N ALA A 176 -18.29 -11.98 8.97
CA ALA A 176 -17.70 -12.87 9.97
C ALA A 176 -17.06 -14.12 9.38
N GLU A 177 -17.32 -14.46 8.12
CA GLU A 177 -16.58 -15.57 7.52
C GLU A 177 -15.12 -15.20 7.26
N THR A 178 -14.87 -13.95 6.87
CA THR A 178 -13.52 -13.52 6.52
C THR A 178 -12.89 -12.61 7.57
N GLY A 179 -13.55 -12.38 8.70
CA GLY A 179 -13.00 -11.46 9.70
C GLY A 179 -12.73 -10.06 9.19
N THR A 180 -13.65 -9.49 8.41
CA THR A 180 -13.38 -8.28 7.64
C THR A 180 -14.53 -7.31 7.77
N TRP A 181 -14.20 -6.04 8.07
CA TRP A 181 -15.16 -4.95 7.97
C TRP A 181 -15.06 -4.35 6.57
N GLU A 182 -16.13 -4.46 5.79
CA GLU A 182 -16.14 -4.08 4.38
C GLU A 182 -16.74 -2.68 4.25
N CYS A 183 -15.88 -1.68 4.10
CA CYS A 183 -16.28 -0.26 4.12
C CYS A 183 -16.15 0.34 2.73
N GLY A 184 -17.02 -0.09 1.84
CA GLY A 184 -16.95 0.41 0.48
C GLY A 184 -15.69 -0.07 -0.22
N ARG A 185 -14.83 0.84 -0.67
CA ARG A 185 -13.57 0.48 -1.31
C ARG A 185 -12.44 0.22 -0.32
N LEU A 186 -12.69 0.46 0.96
CA LEU A 186 -11.76 0.15 2.04
C LEU A 186 -12.24 -1.12 2.73
N SER A 187 -11.28 -1.90 3.24
CA SER A 187 -11.58 -3.07 4.06
C SER A 187 -10.54 -3.15 5.16
N TYR A 188 -10.99 -3.58 6.34
CA TYR A 188 -10.10 -3.85 7.46
C TYR A 188 -10.22 -5.31 7.80
N CYS A 189 -9.12 -6.05 7.60
CA CYS A 189 -9.07 -7.48 7.78
C CYS A 189 -8.21 -7.81 9.00
N LEU A 190 -8.78 -8.60 9.91
CA LEU A 190 -8.06 -9.05 11.10
C LEU A 190 -6.96 -10.04 10.72
N GLU A 191 -5.95 -10.11 11.58
CA GLU A 191 -4.88 -11.09 11.42
C GLU A 191 -4.67 -11.92 12.69
N PHE A 197 -8.06 -18.20 16.70
CA PHE A 197 -9.40 -17.62 16.62
C PHE A 197 -10.14 -17.73 17.96
N GLN A 198 -9.68 -18.65 18.82
CA GLN A 198 -10.12 -18.59 20.21
C GLN A 198 -9.28 -17.60 21.00
N GLN A 199 -8.06 -17.35 20.55
CA GLN A 199 -7.30 -16.19 21.03
C GLN A 199 -8.00 -14.90 20.64
N LEU A 200 -8.46 -14.81 19.39
CA LEU A 200 -9.19 -13.64 18.92
C LEU A 200 -10.46 -13.41 19.73
N LEU A 201 -11.25 -14.46 19.92
CA LEU A 201 -12.54 -14.35 20.62
C LEU A 201 -12.34 -13.98 22.07
N LEU A 202 -11.10 -13.74 22.48
CA LEU A 202 -10.81 -13.30 23.83
C LEU A 202 -10.84 -11.78 23.98
N GLU A 203 -10.56 -11.04 22.91
CA GLU A 203 -10.67 -9.59 22.97
C GLU A 203 -12.14 -9.22 22.96
N PRO A 204 -12.66 -8.57 23.99
CA PRO A 204 -14.10 -8.28 24.02
C PRO A 204 -14.61 -7.56 22.77
N MET A 205 -13.85 -6.62 22.20
CA MET A 205 -14.33 -5.91 21.02
C MET A 205 -14.59 -6.86 19.87
N LEU A 206 -13.75 -7.89 19.70
CA LEU A 206 -13.96 -8.81 18.57
C LEU A 206 -15.06 -9.82 18.86
N LYS A 207 -15.14 -10.29 20.10
CA LYS A 207 -16.22 -11.21 20.45
C LYS A 207 -17.56 -10.53 20.32
N PHE A 208 -17.61 -9.23 20.56
CA PHE A 208 -18.84 -8.47 20.36
C PHE A 208 -19.30 -8.56 18.90
N HIS A 209 -18.39 -8.39 17.93
CA HIS A 209 -18.84 -8.33 16.54
C HIS A 209 -19.28 -9.70 16.05
N TYR A 210 -18.59 -10.77 16.46
CA TYR A 210 -19.02 -12.11 16.08
C TYR A 210 -20.38 -12.44 16.68
N MET A 211 -20.55 -12.20 17.99
CA MET A 211 -21.80 -12.54 18.65
C MET A 211 -22.95 -11.74 18.08
N LEU A 212 -22.77 -10.42 17.94
CA LEU A 212 -23.87 -9.60 17.44
C LEU A 212 -24.21 -10.00 16.02
N LYS A 213 -23.20 -10.28 15.20
CA LYS A 213 -23.45 -10.74 13.84
C LYS A 213 -24.25 -12.04 13.83
N LYS A 214 -24.02 -12.91 14.82
CA LYS A 214 -24.69 -14.21 14.91
C LYS A 214 -26.19 -14.07 15.10
N LEU A 215 -26.63 -12.96 15.71
CA LEU A 215 -28.07 -12.76 15.97
C LEU A 215 -28.86 -12.50 14.69
N GLN A 216 -28.21 -12.07 13.61
CA GLN A 216 -28.88 -11.82 12.32
C GLN A 216 -30.05 -10.86 12.46
N LEU A 217 -29.74 -9.68 13.00
CA LEU A 217 -30.74 -8.64 13.23
C LEU A 217 -31.14 -7.93 11.95
N HIS A 218 -32.36 -7.42 11.96
CA HIS A 218 -32.90 -6.57 10.92
C HIS A 218 -32.38 -5.16 11.08
N GLU A 219 -32.39 -4.41 9.96
CA GLU A 219 -32.06 -2.98 10.01
C GLU A 219 -32.79 -2.32 11.16
N GLU A 220 -34.11 -2.60 11.31
CA GLU A 220 -34.91 -1.95 12.34
C GLU A 220 -34.37 -2.25 13.75
N GLU A 221 -33.87 -3.46 13.98
CA GLU A 221 -33.32 -3.81 15.29
C GLU A 221 -32.00 -3.09 15.55
N TYR A 222 -31.16 -2.98 14.52
CA TYR A 222 -29.92 -2.22 14.68
C TYR A 222 -30.21 -0.76 15.04
N VAL A 223 -31.20 -0.15 14.38
CA VAL A 223 -31.44 1.27 14.59
C VAL A 223 -32.11 1.51 15.95
N LEU A 224 -32.90 0.56 16.45
CA LEU A 224 -33.42 0.69 17.81
C LEU A 224 -32.32 0.47 18.84
N MET A 225 -31.38 -0.44 18.57
CA MET A 225 -30.22 -0.57 19.44
C MET A 225 -29.45 0.75 19.53
N GLN A 226 -29.26 1.43 18.39
CA GLN A 226 -28.59 2.73 18.38
C GLN A 226 -29.34 3.75 19.24
N ALA A 227 -30.67 3.78 19.13
CA ALA A 227 -31.45 4.71 19.94
C ALA A 227 -31.33 4.39 21.44
N ILE A 228 -31.39 3.10 21.80
CA ILE A 228 -31.33 2.74 23.21
C ILE A 228 -29.98 3.11 23.80
N SER A 229 -28.90 2.86 23.05
CA SER A 229 -27.58 3.27 23.49
C SER A 229 -27.46 4.79 23.56
N LEU A 230 -28.00 5.48 22.55
CA LEU A 230 -27.95 6.94 22.51
C LEU A 230 -28.60 7.57 23.74
N PHE A 231 -29.83 7.14 24.04
CA PHE A 231 -30.60 7.69 25.16
C PHE A 231 -30.33 6.95 26.48
N SER A 232 -29.07 6.84 26.87
CA SER A 232 -28.71 6.19 28.12
C SER A 232 -28.74 7.21 29.25
N PRO A 233 -29.60 7.05 30.26
CA PRO A 233 -29.74 8.10 31.28
C PRO A 233 -28.53 8.25 32.20
N ASP A 234 -27.62 7.29 32.25
CA ASP A 234 -26.48 7.36 33.17
C ASP A 234 -25.16 7.65 32.45
N ARG A 235 -25.18 8.56 31.48
CA ARG A 235 -23.90 9.06 30.99
C ARG A 235 -23.42 10.19 31.91
N PRO A 236 -22.11 10.31 32.09
CA PRO A 236 -21.56 11.46 32.81
C PRO A 236 -22.16 12.77 32.33
N GLY A 237 -22.57 13.60 33.29
CA GLY A 237 -23.01 14.95 32.97
C GLY A 237 -24.41 15.10 32.45
N VAL A 238 -25.22 14.05 32.44
CA VAL A 238 -26.60 14.17 31.98
C VAL A 238 -27.45 14.75 33.11
N LEU A 239 -28.13 15.86 32.82
CA LEU A 239 -28.95 16.50 33.85
C LEU A 239 -30.40 16.04 33.80
N GLN A 240 -30.99 15.90 32.62
CA GLN A 240 -32.38 15.45 32.53
C GLN A 240 -32.50 13.92 32.59
N HIS A 241 -32.08 13.36 33.73
CA HIS A 241 -32.10 11.91 33.91
CA HIS A 241 -32.12 11.91 33.93
C HIS A 241 -33.46 11.31 33.54
N ARG A 242 -34.55 11.92 34.02
CA ARG A 242 -35.85 11.26 33.96
C ARG A 242 -36.43 11.27 32.54
N VAL A 243 -36.30 12.37 31.83
CA VAL A 243 -36.76 12.37 30.45
C VAL A 243 -35.96 11.35 29.63
N VAL A 244 -34.65 11.29 29.85
CA VAL A 244 -33.84 10.35 29.06
C VAL A 244 -34.19 8.90 29.42
N ASP A 245 -34.44 8.64 30.70
CA ASP A 245 -34.81 7.28 31.10
C ASP A 245 -36.12 6.85 30.44
N GLN A 246 -37.12 7.73 30.41
CA GLN A 246 -38.41 7.40 29.80
C GLN A 246 -38.30 7.26 28.29
N LEU A 247 -37.44 8.07 27.65
CA LEU A 247 -37.23 7.90 26.21
C LEU A 247 -36.61 6.54 25.90
N GLN A 248 -35.56 6.19 26.64
CA GLN A 248 -34.91 4.89 26.44
C GLN A 248 -35.91 3.74 26.59
N GLU A 249 -36.72 3.77 27.64
CA GLU A 249 -37.64 2.67 27.90
C GLU A 249 -38.66 2.53 26.78
N GLN A 250 -39.14 3.65 26.26
CA GLN A 250 -40.03 3.58 25.10
C GLN A 250 -39.34 3.00 23.87
N PHE A 251 -38.05 3.32 23.63
CA PHE A 251 -37.36 2.64 22.53
C PHE A 251 -37.20 1.16 22.81
N ALA A 252 -36.85 0.81 24.06
CA ALA A 252 -36.69 -0.59 24.41
C ALA A 252 -38.02 -1.33 24.28
N ILE A 253 -39.11 -0.72 24.72
CA ILE A 253 -40.43 -1.35 24.59
C ILE A 253 -40.79 -1.52 23.13
N THR A 254 -40.45 -0.54 22.30
CA THR A 254 -40.72 -0.66 20.87
C THR A 254 -39.97 -1.84 20.25
N LEU A 255 -38.69 -1.98 20.59
CA LEU A 255 -37.90 -3.11 20.09
C LEU A 255 -38.46 -4.44 20.58
N LYS A 256 -38.82 -4.50 21.86
CA LYS A 256 -39.42 -5.70 22.42
C LYS A 256 -40.68 -6.10 21.65
N SER A 257 -41.54 -5.13 21.34
CA SER A 257 -42.76 -5.42 20.60
C SER A 257 -42.49 -5.76 19.15
N TYR A 258 -41.50 -5.10 18.53
CA TYR A 258 -41.13 -5.44 17.16
C TYR A 258 -40.71 -6.90 17.06
N ILE A 259 -39.95 -7.38 18.04
CA ILE A 259 -39.51 -8.78 18.02
C ILE A 259 -40.70 -9.72 18.22
N GLU A 260 -41.56 -9.43 19.21
CA GLU A 260 -42.74 -10.26 19.42
C GLU A 260 -43.60 -10.33 18.17
N CYS A 261 -43.77 -9.19 17.47
CA CYS A 261 -44.63 -9.13 16.29
C CYS A 261 -43.99 -9.71 15.05
N ASN A 262 -42.69 -9.49 14.82
CA ASN A 262 -42.14 -9.81 13.52
C ASN A 262 -41.22 -11.02 13.53
N ARG A 263 -41.08 -11.69 14.66
CA ARG A 263 -40.30 -12.90 14.49
C ARG A 263 -41.10 -14.13 14.95
N PRO A 264 -40.77 -15.32 14.41
CA PRO A 264 -41.56 -16.53 14.68
C PRO A 264 -41.47 -17.04 16.11
N GLN A 265 -42.33 -16.52 17.00
CA GLN A 265 -42.31 -16.96 18.38
C GLN A 265 -42.75 -18.42 18.49
N PRO A 266 -42.17 -19.21 19.42
CA PRO A 266 -41.17 -18.83 20.44
C PRO A 266 -39.68 -19.10 20.11
N ALA A 267 -39.28 -19.17 18.85
CA ALA A 267 -37.86 -19.39 18.59
C ALA A 267 -37.01 -18.19 19.02
N HIS A 268 -37.61 -17.00 19.05
CA HIS A 268 -36.94 -15.75 19.41
C HIS A 268 -37.45 -15.23 20.73
N ARG A 269 -37.69 -16.17 21.64
CA ARG A 269 -38.25 -15.86 22.95
C ARG A 269 -37.34 -14.90 23.72
N PHE A 270 -36.03 -15.05 23.57
CA PHE A 270 -35.10 -14.27 24.39
C PHE A 270 -34.23 -13.32 23.57
N LEU A 271 -34.52 -13.15 22.27
CA LEU A 271 -33.75 -12.23 21.43
C LEU A 271 -33.69 -10.83 22.02
N PHE A 272 -34.81 -10.30 22.51
CA PHE A 272 -34.75 -8.97 23.11
C PHE A 272 -33.70 -8.92 24.20
N LEU A 273 -33.74 -9.88 25.13
CA LEU A 273 -32.82 -9.86 26.26
C LEU A 273 -31.38 -10.11 25.83
N LYS A 274 -31.17 -10.93 24.80
CA LYS A 274 -29.83 -11.05 24.23
C LYS A 274 -29.34 -9.73 23.70
N ILE A 275 -30.19 -8.98 23.01
CA ILE A 275 -29.79 -7.68 22.52
C ILE A 275 -29.44 -6.74 23.68
N MET A 276 -30.26 -6.73 24.72
CA MET A 276 -29.96 -5.89 25.87
C MET A 276 -28.63 -6.30 26.51
N ALA A 277 -28.32 -7.61 26.52
CA ALA A 277 -27.04 -8.00 27.06
C ALA A 277 -25.88 -7.58 26.16
N MET A 278 -26.09 -7.55 24.84
CA MET A 278 -25.07 -7.04 23.94
C MET A 278 -24.81 -5.57 24.22
N LEU A 279 -25.88 -4.79 24.45
CA LEU A 279 -25.69 -3.36 24.71
C LEU A 279 -24.94 -3.16 26.02
N THR A 280 -25.22 -3.97 27.04
CA THR A 280 -24.49 -3.85 28.29
C THR A 280 -23.01 -4.18 28.10
N GLU A 281 -22.71 -5.22 27.32
CA GLU A 281 -21.30 -5.53 27.03
C GLU A 281 -20.63 -4.40 26.25
N LEU A 282 -21.37 -3.75 25.34
CA LEU A 282 -20.84 -2.66 24.54
C LEU A 282 -20.55 -1.44 25.39
N ARG A 283 -21.40 -1.17 26.37
CA ARG A 283 -21.14 -0.08 27.30
C ARG A 283 -19.82 -0.31 28.04
N SER A 284 -19.47 -1.56 28.32
CA SER A 284 -18.19 -1.85 28.97
C SER A 284 -17.02 -1.83 27.99
N ILE A 285 -17.22 -2.28 26.75
CA ILE A 285 -16.18 -2.15 25.74
C ILE A 285 -15.85 -0.68 25.51
N ASN A 286 -16.87 0.17 25.49
CA ASN A 286 -16.66 1.61 25.40
C ASN A 286 -15.72 2.14 26.49
N ALA A 287 -15.92 1.72 27.74
CA ALA A 287 -15.06 2.20 28.84
C ALA A 287 -13.63 1.71 28.67
N GLN A 288 -13.45 0.42 28.39
CA GLN A 288 -12.15 -0.11 28.06
C GLN A 288 -11.50 0.68 26.92
N HIS A 289 -12.27 0.99 25.88
CA HIS A 289 -11.67 1.63 24.71
C HIS A 289 -11.24 3.06 25.03
N THR A 290 -12.03 3.78 25.83
CA THR A 290 -11.65 5.14 26.20
C THR A 290 -10.31 5.14 26.92
N GLN A 291 -10.14 4.24 27.90
CA GLN A 291 -8.88 4.22 28.63
C GLN A 291 -7.72 3.84 27.72
N ARG A 292 -7.93 2.89 26.81
CA ARG A 292 -6.89 2.55 25.85
C ARG A 292 -6.49 3.76 25.01
N LEU A 293 -7.49 4.51 24.53
CA LEU A 293 -7.20 5.65 23.67
C LEU A 293 -6.40 6.71 24.42
N LEU A 294 -6.73 6.96 25.68
CA LEU A 294 -6.01 7.96 26.47
C LEU A 294 -4.56 7.54 26.69
N ARG A 295 -4.32 6.27 27.03
CA ARG A 295 -2.95 5.80 27.18
C ARG A 295 -2.14 6.01 25.90
N ILE A 296 -2.70 5.61 24.75
CA ILE A 296 -2.00 5.81 23.50
C ILE A 296 -1.79 7.31 23.23
N GLN A 297 -2.87 8.09 23.30
CA GLN A 297 -2.77 9.52 23.07
C GLN A 297 -1.64 10.13 23.90
N ASP A 298 -1.50 9.66 25.14
CA ASP A 298 -0.55 10.26 26.07
C ASP A 298 0.89 10.09 25.59
N ILE A 299 1.26 8.91 25.12
CA ILE A 299 2.63 8.70 24.67
C ILE A 299 2.81 8.92 23.17
N HIS A 300 1.73 9.01 22.40
CA HIS A 300 1.83 9.18 20.95
C HIS A 300 0.58 9.89 20.42
N PRO A 301 0.56 11.22 20.43
CA PRO A 301 -0.66 11.94 20.05
C PRO A 301 -1.09 11.64 18.61
N PHE A 302 -2.40 11.51 18.41
CA PHE A 302 -2.94 11.16 17.10
C PHE A 302 -4.44 11.48 16.95
N ALA A 303 -5.15 11.70 18.06
CA ALA A 303 -6.58 11.93 17.97
C ALA A 303 -6.88 13.24 17.26
N THR A 304 -7.95 13.24 16.46
CA THR A 304 -8.40 14.45 15.78
C THR A 304 -9.01 15.42 16.78
N PRO A 305 -9.23 16.67 16.38
CA PRO A 305 -9.85 17.63 17.31
C PRO A 305 -11.21 17.18 17.79
N LEU A 306 -12.05 16.61 16.91
CA LEU A 306 -13.35 16.11 17.35
C LEU A 306 -13.20 14.93 18.30
N MET A 307 -12.26 14.02 18.05
CA MET A 307 -12.01 12.94 19.01
C MET A 307 -11.53 13.48 20.35
N GLN A 308 -10.68 14.52 20.33
CA GLN A 308 -10.24 15.14 21.58
C GLN A 308 -11.44 15.62 22.40
N GLU A 309 -12.38 16.31 21.76
CA GLU A 309 -13.58 16.72 22.47
C GLU A 309 -14.34 15.52 23.04
N LEU A 310 -14.63 14.52 22.19
CA LEU A 310 -15.47 13.40 22.63
C LEU A 310 -14.85 12.65 23.80
N PHE A 311 -13.54 12.46 23.81
CA PHE A 311 -12.89 11.61 24.81
C PHE A 311 -12.20 12.41 25.92
N GLY A 312 -12.48 13.71 26.05
CA GLY A 312 -11.94 14.49 27.15
C GLY A 312 -10.46 14.85 27.06
N ILE A 313 -9.93 15.07 25.86
CA ILE A 313 -8.53 15.43 25.66
C ILE A 313 -8.44 16.93 25.45
N THR A 314 -7.60 17.60 26.25
CA THR A 314 -7.50 19.08 26.20
C THR A 314 -6.70 19.57 25.00
N SER A 325 -13.88 25.46 31.20
CA SER A 325 -15.02 26.29 31.57
C SER A 325 -16.30 25.45 31.68
N SER A 326 -17.28 25.69 30.79
CA SER A 326 -18.54 24.95 30.81
C SER A 326 -18.50 23.81 29.80
N LEU A 327 -19.64 23.10 29.68
CA LEU A 327 -19.68 21.92 28.82
C LEU A 327 -19.68 22.31 27.34
N THR A 328 -20.36 23.39 26.97
CA THR A 328 -20.29 23.84 25.58
C THR A 328 -18.93 24.47 25.25
N GLU A 329 -18.30 25.16 26.21
CA GLU A 329 -16.97 25.73 25.97
C GLU A 329 -15.91 24.64 25.83
N ARG A 330 -16.05 23.52 26.53
CA ARG A 330 -15.11 22.42 26.34
C ARG A 330 -15.49 21.50 25.19
N HIS A 331 -16.49 21.86 24.38
CA HIS A 331 -16.97 21.01 23.30
C HIS A 331 -17.44 21.87 22.13
N LYS A 332 -16.54 22.75 21.66
CA LYS A 332 -16.91 23.76 20.68
C LYS A 332 -17.20 23.15 19.31
N ILE A 333 -16.36 22.22 18.86
CA ILE A 333 -16.64 21.55 17.60
C ILE A 333 -17.97 20.83 17.69
N LEU A 334 -18.10 19.93 18.67
CA LEU A 334 -19.31 19.14 18.80
C LEU A 334 -20.53 20.06 18.84
N HIS A 335 -20.44 21.12 19.65
CA HIS A 335 -21.52 22.09 19.75
C HIS A 335 -21.85 22.71 18.40
N ARG A 336 -20.83 23.10 17.64
CA ARG A 336 -21.08 23.70 16.34
C ARG A 336 -21.74 22.70 15.38
N LEU A 337 -21.29 21.44 15.41
CA LEU A 337 -21.87 20.43 14.53
C LEU A 337 -23.34 20.17 14.86
N LEU A 338 -23.72 20.30 16.13
CA LEU A 338 -25.12 20.11 16.51
C LEU A 338 -26.03 21.24 16.06
N GLN A 339 -25.48 22.38 15.66
CA GLN A 339 -26.27 23.59 15.46
C GLN A 339 -26.45 23.97 13.99
N GLU A 340 -26.33 23.01 13.08
CA GLU A 340 -26.60 23.28 11.66
C GLU A 340 -27.78 22.44 11.15
N LEU B 25 45.48 -16.70 -16.32
CA LEU B 25 45.13 -15.33 -16.68
C LEU B 25 46.32 -14.38 -16.68
N THR B 26 46.39 -13.54 -17.71
CA THR B 26 47.41 -12.51 -17.79
C THR B 26 47.34 -11.58 -16.59
N GLU B 27 48.38 -10.75 -16.44
CA GLU B 27 48.32 -9.67 -15.47
C GLU B 27 47.40 -8.56 -15.96
N GLU B 28 47.41 -8.30 -17.26
CA GLU B 28 46.49 -7.32 -17.81
C GLU B 28 45.04 -7.78 -17.65
N GLN B 29 44.81 -9.09 -17.69
CA GLN B 29 43.46 -9.63 -17.57
C GLN B 29 42.98 -9.60 -16.13
N ARG B 30 43.83 -10.05 -15.19
CA ARG B 30 43.50 -9.88 -13.77
C ARG B 30 43.22 -8.42 -13.44
N MET B 31 44.03 -7.49 -13.98
CA MET B 31 43.80 -6.08 -13.69
C MET B 31 42.45 -5.63 -14.22
N MET B 32 42.15 -5.97 -15.49
CA MET B 32 40.92 -5.55 -16.11
C MET B 32 39.69 -6.09 -15.37
N ILE B 33 39.72 -7.35 -14.92
CA ILE B 33 38.60 -7.88 -14.14
C ILE B 33 38.49 -7.15 -12.80
N ARG B 34 39.63 -6.85 -12.18
CA ARG B 34 39.66 -6.11 -10.93
C ARG B 34 39.02 -4.74 -11.08
N GLU B 35 39.35 -4.02 -12.14
CA GLU B 35 38.75 -2.71 -12.34
C GLU B 35 37.25 -2.80 -12.57
N LEU B 36 36.81 -3.76 -13.38
CA LEU B 36 35.37 -3.87 -13.63
C LEU B 36 34.62 -4.21 -12.36
N MET B 37 35.20 -5.11 -11.55
CA MET B 37 34.52 -5.52 -10.32
C MET B 37 34.44 -4.36 -9.35
N ASP B 38 35.53 -3.60 -9.25
CA ASP B 38 35.56 -2.44 -8.37
C ASP B 38 34.57 -1.38 -8.84
N ALA B 39 34.50 -1.16 -10.16
CA ALA B 39 33.48 -0.26 -10.72
C ALA B 39 32.06 -0.71 -10.39
N GLN B 40 31.77 -2.01 -10.55
CA GLN B 40 30.44 -2.54 -10.24
C GLN B 40 30.09 -2.30 -8.77
N MET B 41 30.99 -2.64 -7.87
CA MET B 41 30.77 -2.39 -6.43
C MET B 41 30.53 -0.90 -6.16
N LYS B 42 31.26 -0.02 -6.82
CA LYS B 42 31.09 1.40 -6.53
C LYS B 42 29.75 1.96 -7.03
N THR B 43 29.11 1.33 -8.01
CA THR B 43 28.04 1.99 -8.73
C THR B 43 26.74 1.19 -8.82
N PHE B 44 26.70 -0.02 -8.29
CA PHE B 44 25.48 -0.82 -8.29
C PHE B 44 25.06 -0.95 -6.84
N ASP B 45 24.09 -0.16 -6.44
CA ASP B 45 23.63 -0.22 -5.07
C ASP B 45 22.53 -1.27 -5.05
N THR B 46 22.90 -2.51 -4.69
CA THR B 46 21.99 -3.63 -4.85
C THR B 46 20.89 -3.63 -3.81
N THR B 47 21.06 -2.88 -2.71
CA THR B 47 19.96 -2.69 -1.78
C THR B 47 18.99 -1.57 -2.21
N PHE B 48 19.29 -0.84 -3.29
CA PHE B 48 18.42 0.22 -3.81
C PHE B 48 18.09 1.28 -2.75
N SER B 49 18.93 1.36 -1.71
CA SER B 49 18.68 2.27 -0.60
C SER B 49 18.48 3.71 -1.02
N HIS B 50 19.12 4.15 -2.11
CA HIS B 50 19.03 5.55 -2.51
C HIS B 50 18.02 5.79 -3.64
N PHE B 51 17.13 4.83 -3.89
CA PHE B 51 16.03 5.07 -4.83
C PHE B 51 14.84 5.61 -4.03
N LYS B 52 14.50 6.87 -4.26
CA LYS B 52 13.42 7.49 -3.50
C LYS B 52 12.81 8.63 -4.30
N ASN B 53 11.65 9.11 -3.81
CA ASN B 53 10.85 10.17 -4.46
C ASN B 53 10.33 9.74 -5.83
N PHE B 54 9.96 8.46 -5.96
CA PHE B 54 9.44 7.94 -7.21
C PHE B 54 7.91 8.02 -7.23
N ARG B 55 7.34 8.09 -8.43
CA ARG B 55 5.89 8.03 -8.57
C ARG B 55 5.38 6.63 -8.24
N LEU B 56 4.16 6.57 -7.74
CA LEU B 56 3.47 5.33 -7.45
C LEU B 56 2.11 5.34 -8.12
N PRO B 57 1.54 4.16 -8.38
CA PRO B 57 0.18 4.13 -8.94
C PRO B 57 -0.79 4.77 -7.96
N GLY B 58 -1.68 5.61 -8.50
CA GLY B 58 -2.64 6.34 -7.69
C GLY B 58 -3.44 5.44 -6.78
N VAL B 59 -3.89 5.99 -5.65
CA VAL B 59 -4.46 5.23 -4.55
C VAL B 59 -5.98 5.06 -4.65
N LYS B 80 -2.94 0.08 -33.51
CA LYS B 80 -2.36 1.09 -32.61
C LYS B 80 -2.52 0.68 -31.15
N TRP B 81 -3.59 1.16 -30.52
CA TRP B 81 -3.90 0.73 -29.16
C TRP B 81 -3.91 -0.78 -29.05
N SER B 82 -4.36 -1.46 -30.10
CA SER B 82 -4.34 -2.93 -30.10
C SER B 82 -2.93 -3.49 -30.03
N GLN B 83 -1.93 -2.72 -30.43
CA GLN B 83 -0.56 -3.20 -30.40
C GLN B 83 0.14 -2.86 -29.10
N VAL B 84 -0.04 -1.62 -28.61
CA VAL B 84 0.42 -1.25 -27.28
C VAL B 84 -0.06 -2.26 -26.24
N ARG B 85 -1.28 -2.79 -26.44
CA ARG B 85 -1.83 -3.76 -25.49
C ARG B 85 -1.19 -5.13 -25.66
N LYS B 86 -0.82 -5.51 -26.89
CA LYS B 86 -0.02 -6.72 -27.08
C LYS B 86 1.32 -6.63 -26.36
N ASP B 87 1.85 -5.41 -26.23
CA ASP B 87 3.15 -5.22 -25.61
C ASP B 87 3.10 -5.47 -24.10
N LEU B 88 2.23 -4.74 -23.41
CA LEU B 88 2.24 -4.70 -21.94
C LEU B 88 1.68 -5.95 -21.29
N CYS B 89 1.10 -6.87 -22.05
CA CYS B 89 0.28 -7.93 -21.47
C CYS B 89 1.11 -9.02 -20.81
N SER B 90 2.13 -9.52 -21.53
CA SER B 90 2.96 -10.55 -20.93
C SER B 90 3.92 -9.98 -19.90
N LEU B 91 4.14 -8.67 -19.90
CA LEU B 91 5.04 -8.01 -18.95
C LEU B 91 4.28 -7.35 -17.81
N LYS B 92 3.41 -8.10 -17.14
CA LYS B 92 2.60 -7.59 -16.04
C LYS B 92 3.26 -7.94 -14.72
N VAL B 93 3.44 -6.95 -13.85
CA VAL B 93 3.99 -7.19 -12.53
C VAL B 93 3.13 -6.53 -11.46
N SER B 94 3.12 -7.13 -10.28
CA SER B 94 2.75 -6.42 -9.07
C SER B 94 3.98 -5.86 -8.38
N LEU B 95 3.73 -4.91 -7.49
CA LEU B 95 4.76 -4.14 -6.82
C LEU B 95 4.62 -4.33 -5.32
N GLN B 96 5.75 -4.54 -4.65
CA GLN B 96 5.78 -4.68 -3.21
C GLN B 96 6.76 -3.66 -2.63
N LEU B 97 6.40 -3.10 -1.47
CA LEU B 97 7.21 -2.08 -0.82
C LEU B 97 7.27 -2.42 0.66
N ARG B 98 8.40 -2.95 1.10
CA ARG B 98 8.61 -3.26 2.50
C ARG B 98 9.19 -2.02 3.19
N GLY B 99 8.46 -1.48 4.16
CA GLY B 99 8.95 -0.35 4.92
C GLY B 99 10.01 -0.78 5.92
N GLU B 100 10.74 0.23 6.39
CA GLU B 100 11.82 0.01 7.35
C GLU B 100 11.33 -0.71 8.59
N ASP B 101 10.09 -0.46 9.01
CA ASP B 101 9.53 -1.00 10.24
C ASP B 101 9.05 -2.45 10.12
N GLY B 102 9.17 -3.07 8.94
CA GLY B 102 8.61 -4.39 8.73
C GLY B 102 7.26 -4.43 8.02
N SER B 103 6.64 -3.28 7.76
CA SER B 103 5.35 -3.25 7.10
C SER B 103 5.49 -3.41 5.59
N VAL B 104 4.40 -3.82 4.95
CA VAL B 104 4.38 -4.13 3.52
C VAL B 104 3.17 -3.50 2.85
N TRP B 105 3.42 -2.75 1.78
CA TRP B 105 2.41 -2.29 0.83
C TRP B 105 2.50 -3.10 -0.45
N ASN B 106 1.40 -3.74 -0.84
CA ASN B 106 1.33 -4.45 -2.10
C ASN B 106 0.39 -3.73 -3.07
N TYR B 107 0.83 -3.61 -4.33
CA TYR B 107 0.00 -3.08 -5.41
C TYR B 107 -0.27 -4.16 -6.45
N LYS B 108 -1.49 -4.63 -6.50
CA LYS B 108 -1.92 -5.53 -7.55
C LYS B 108 -2.49 -4.70 -8.70
N PRO B 109 -2.04 -4.86 -9.93
CA PRO B 109 -2.49 -3.98 -11.01
C PRO B 109 -3.86 -4.38 -11.53
N PRO B 110 -4.59 -3.46 -12.16
CA PRO B 110 -5.89 -3.81 -12.71
C PRO B 110 -5.76 -4.71 -13.92
N ALA B 111 -6.72 -5.61 -14.06
CA ALA B 111 -6.92 -6.33 -15.31
C ALA B 111 -7.33 -5.36 -16.42
N ASP B 112 -7.08 -5.76 -17.68
CA ASP B 112 -7.32 -4.87 -18.80
C ASP B 112 -8.82 -4.75 -19.09
N SER B 113 -9.31 -3.52 -19.16
CA SER B 113 -10.65 -3.22 -19.64
C SER B 113 -10.58 -2.17 -20.74
N GLY B 114 -9.60 -2.31 -21.63
CA GLY B 114 -9.37 -1.36 -22.70
C GLY B 114 -9.33 0.09 -22.26
N GLY B 115 -8.50 0.41 -21.27
CA GLY B 115 -8.37 1.79 -20.84
C GLY B 115 -6.95 2.21 -20.57
N LYS B 116 -6.76 3.42 -20.01
CA LYS B 116 -5.43 3.89 -19.65
C LYS B 116 -4.88 3.18 -18.42
N GLU B 117 -5.69 2.34 -17.77
CA GLU B 117 -5.28 1.67 -16.54
C GLU B 117 -4.16 0.66 -16.76
N ILE B 118 -3.96 0.20 -18.00
CA ILE B 118 -2.82 -0.68 -18.28
C ILE B 118 -1.48 0.02 -18.12
N PHE B 119 -1.47 1.35 -17.95
CA PHE B 119 -0.27 2.16 -17.80
C PHE B 119 -0.05 2.64 -16.37
N SER B 120 -0.75 2.10 -15.38
CA SER B 120 -0.67 2.71 -14.06
C SER B 120 0.73 2.60 -13.46
N LEU B 121 1.45 1.52 -13.75
CA LEU B 121 2.77 1.31 -13.18
C LEU B 121 3.89 1.90 -14.03
N LEU B 122 3.58 2.59 -15.13
CA LEU B 122 4.64 3.01 -16.04
C LEU B 122 5.42 4.19 -15.48
N PRO B 123 4.78 5.26 -14.98
CA PRO B 123 5.55 6.31 -14.33
C PRO B 123 6.54 5.76 -13.31
N HIS B 124 6.09 4.84 -12.46
CA HIS B 124 7.01 4.27 -11.47
C HIS B 124 8.16 3.55 -12.16
N MET B 125 7.86 2.70 -13.14
CA MET B 125 8.90 1.96 -13.84
C MET B 125 9.89 2.90 -14.51
N ALA B 126 9.40 4.01 -15.07
CA ALA B 126 10.28 4.99 -15.67
C ALA B 126 11.24 5.56 -14.64
N ASP B 127 10.74 5.84 -13.44
CA ASP B 127 11.61 6.33 -12.39
C ASP B 127 12.66 5.29 -12.01
N MET B 128 12.26 4.02 -11.90
CA MET B 128 13.22 2.97 -11.58
C MET B 128 14.25 2.83 -12.68
N SER B 129 13.80 2.86 -13.94
CA SER B 129 14.72 2.76 -15.07
C SER B 129 15.72 3.89 -15.05
N THR B 130 15.30 5.05 -14.56
CA THR B 130 16.11 6.26 -14.57
C THR B 130 17.17 6.23 -13.47
N TYR B 131 16.81 5.74 -12.28
CA TYR B 131 17.80 5.44 -11.25
C TYR B 131 18.82 4.40 -11.73
N MET B 132 18.37 3.33 -12.40
CA MET B 132 19.28 2.31 -12.90
C MET B 132 20.21 2.85 -13.99
N PHE B 133 19.68 3.68 -14.89
CA PHE B 133 20.50 4.29 -15.94
C PHE B 133 21.56 5.20 -15.34
N LYS B 134 21.24 5.94 -14.29
CA LYS B 134 22.29 6.75 -13.66
C LYS B 134 23.37 5.88 -13.04
N GLY B 135 23.00 4.72 -12.49
CA GLY B 135 24.02 3.82 -11.96
C GLY B 135 24.89 3.27 -13.06
N ILE B 136 24.30 3.05 -14.25
CA ILE B 136 25.03 2.49 -15.39
C ILE B 136 25.99 3.52 -15.94
N ILE B 137 25.56 4.79 -15.98
CA ILE B 137 26.41 5.89 -16.40
C ILE B 137 27.58 6.05 -15.46
N SER B 138 27.35 5.96 -14.15
CA SER B 138 28.45 6.02 -13.19
C SER B 138 29.42 4.87 -13.41
N PHE B 139 28.89 3.67 -13.67
CA PHE B 139 29.73 2.50 -13.91
C PHE B 139 30.68 2.72 -15.08
N ALA B 140 30.14 3.15 -16.24
CA ALA B 140 30.97 3.40 -17.40
C ALA B 140 32.04 4.46 -17.10
N LYS B 141 31.68 5.50 -16.33
CA LYS B 141 32.57 6.63 -16.05
C LYS B 141 33.78 6.24 -15.20
N VAL B 142 33.67 5.22 -14.34
CA VAL B 142 34.85 4.86 -13.54
C VAL B 142 35.76 3.86 -14.26
N ILE B 143 35.38 3.38 -15.45
CA ILE B 143 36.22 2.48 -16.24
C ILE B 143 37.21 3.30 -17.07
N SER B 144 38.51 3.01 -16.91
CA SER B 144 39.54 3.82 -17.59
C SER B 144 39.39 3.77 -19.11
N TYR B 145 39.12 2.58 -19.67
CA TYR B 145 39.02 2.44 -21.12
C TYR B 145 37.89 3.28 -21.72
N PHE B 146 36.89 3.67 -20.92
CA PHE B 146 35.75 4.43 -21.38
C PHE B 146 35.91 5.92 -21.12
N ARG B 147 36.41 6.28 -19.93
CA ARG B 147 36.76 7.66 -19.62
C ARG B 147 37.62 8.29 -20.71
N ASP B 148 38.51 7.50 -21.33
CA ASP B 148 39.45 7.99 -22.34
C ASP B 148 38.81 8.23 -23.69
N LEU B 149 37.62 7.72 -23.94
CA LEU B 149 37.05 7.93 -25.25
C LEU B 149 36.54 9.35 -25.38
N PRO B 150 36.39 9.83 -26.61
CA PRO B 150 35.78 11.16 -26.84
C PRO B 150 34.38 11.24 -26.29
N ILE B 151 34.05 12.40 -25.71
CA ILE B 151 32.71 12.63 -25.17
C ILE B 151 31.64 12.18 -26.14
N GLU B 152 31.92 12.23 -27.44
CA GLU B 152 30.92 11.91 -28.44
C GLU B 152 30.60 10.41 -28.45
N ASP B 153 31.64 9.57 -28.45
CA ASP B 153 31.45 8.13 -28.42
C ASP B 153 31.00 7.62 -27.06
N GLN B 154 31.37 8.30 -25.98
CA GLN B 154 30.79 7.98 -24.68
C GLN B 154 29.27 8.09 -24.72
N ILE B 155 28.76 9.16 -25.34
CA ILE B 155 27.33 9.37 -25.42
C ILE B 155 26.68 8.28 -26.27
N SER B 156 27.31 7.92 -27.40
CA SER B 156 26.74 6.92 -28.29
C SER B 156 26.76 5.53 -27.67
N LEU B 157 27.86 5.16 -27.01
CA LEU B 157 27.91 3.87 -26.32
C LEU B 157 26.81 3.79 -25.26
N LEU B 158 26.63 4.85 -24.47
CA LEU B 158 25.63 4.82 -23.42
C LEU B 158 24.21 4.78 -23.98
N LYS B 159 23.95 5.51 -25.07
CA LYS B 159 22.66 5.41 -25.74
C LYS B 159 22.43 3.99 -26.24
N GLY B 160 23.47 3.36 -26.76
CA GLY B 160 23.32 2.04 -27.33
C GLY B 160 23.18 0.91 -26.31
N ALA B 161 23.67 1.11 -25.08
CA ALA B 161 23.81 0.00 -24.16
C ALA B 161 23.11 0.16 -22.81
N ALA B 162 22.54 1.34 -22.51
CA ALA B 162 22.02 1.56 -21.16
C ALA B 162 20.95 0.53 -20.78
N PHE B 163 20.05 0.22 -21.71
CA PHE B 163 19.01 -0.77 -21.42
C PHE B 163 19.61 -2.14 -21.17
N GLU B 164 20.58 -2.53 -22.01
CA GLU B 164 21.18 -3.86 -21.88
C GLU B 164 21.85 -4.02 -20.52
N LEU B 165 22.70 -3.07 -20.14
CA LEU B 165 23.38 -3.16 -18.86
C LEU B 165 22.39 -3.15 -17.71
N CYS B 166 21.32 -2.38 -17.83
CA CYS B 166 20.25 -2.41 -16.82
CA CYS B 166 20.28 -2.43 -16.80
C CYS B 166 19.64 -3.80 -16.71
N GLN B 167 19.36 -4.44 -17.85
CA GLN B 167 18.77 -5.77 -17.78
C GLN B 167 19.76 -6.77 -17.19
N LEU B 168 21.05 -6.63 -17.52
CA LEU B 168 22.03 -7.53 -16.94
C LEU B 168 22.08 -7.38 -15.42
N ARG B 169 22.08 -6.13 -14.93
CA ARG B 169 22.02 -5.90 -13.49
C ARG B 169 20.74 -6.43 -12.87
N PHE B 170 19.58 -6.14 -13.49
CA PHE B 170 18.33 -6.72 -13.00
C PHE B 170 18.41 -8.23 -12.90
N ASN B 171 19.12 -8.87 -13.84
CA ASN B 171 19.12 -10.33 -13.81
C ASN B 171 19.78 -10.85 -12.54
N THR B 172 20.75 -10.12 -11.98
CA THR B 172 21.40 -10.61 -10.78
C THR B 172 20.54 -10.53 -9.54
N VAL B 173 19.43 -9.78 -9.56
CA VAL B 173 18.47 -9.81 -8.44
C VAL B 173 17.19 -10.52 -8.80
N PHE B 174 17.17 -11.25 -9.92
CA PHE B 174 15.99 -12.00 -10.32
C PHE B 174 15.93 -13.31 -9.55
N ASN B 175 14.80 -13.57 -8.91
CA ASN B 175 14.53 -14.85 -8.27
C ASN B 175 13.68 -15.66 -9.23
N ALA B 176 14.29 -16.68 -9.84
CA ALA B 176 13.58 -17.40 -10.89
C ALA B 176 12.52 -18.34 -10.32
N GLU B 177 12.64 -18.77 -9.06
CA GLU B 177 11.62 -19.63 -8.48
C GLU B 177 10.32 -18.87 -8.28
N THR B 178 10.38 -17.60 -7.86
CA THR B 178 9.18 -16.83 -7.61
C THR B 178 8.87 -15.81 -8.70
N GLY B 179 9.62 -15.81 -9.81
CA GLY B 179 9.38 -14.82 -10.85
C GLY B 179 9.44 -13.38 -10.39
N THR B 180 10.37 -13.07 -9.47
CA THR B 180 10.42 -11.79 -8.81
C THR B 180 11.81 -11.18 -8.94
N TRP B 181 11.87 -9.89 -9.29
CA TRP B 181 13.09 -9.08 -9.21
C TRP B 181 13.10 -8.42 -7.84
N GLU B 182 14.06 -8.80 -6.99
CA GLU B 182 14.09 -8.40 -5.59
C GLU B 182 15.02 -7.20 -5.48
N CYS B 183 14.44 -6.01 -5.51
CA CYS B 183 15.30 -4.84 -5.55
C CYS B 183 15.31 -4.15 -4.20
N GLY B 184 15.85 -4.83 -3.19
CA GLY B 184 15.95 -4.24 -1.88
C GLY B 184 14.62 -4.29 -1.16
N ARG B 185 14.06 -3.12 -0.87
CA ARG B 185 12.74 -3.06 -0.26
C ARG B 185 11.62 -2.97 -1.28
N LEU B 186 11.94 -2.81 -2.56
CA LEU B 186 10.99 -2.97 -3.66
C LEU B 186 11.19 -4.32 -4.31
N SER B 187 10.07 -4.96 -4.71
CA SER B 187 10.09 -6.20 -5.49
C SER B 187 9.04 -6.09 -6.58
N TYR B 188 9.40 -6.58 -7.76
CA TYR B 188 8.51 -6.65 -8.92
C TYR B 188 8.25 -8.12 -9.21
N CYS B 189 6.99 -8.53 -9.09
CA CYS B 189 6.59 -9.93 -9.17
C CYS B 189 5.74 -10.14 -10.42
N LEU B 190 6.16 -11.09 -11.25
CA LEU B 190 5.39 -11.44 -12.43
C LEU B 190 4.00 -11.93 -12.05
N GLU B 191 2.98 -11.33 -12.66
CA GLU B 191 1.61 -11.78 -12.45
C GLU B 191 1.43 -13.25 -12.84
N PHE B 197 3.14 -20.17 -17.64
CA PHE B 197 4.60 -20.14 -17.71
C PHE B 197 5.10 -20.38 -19.13
N GLN B 198 4.46 -21.30 -19.85
CA GLN B 198 4.77 -21.43 -21.27
C GLN B 198 4.31 -20.21 -22.05
N GLN B 199 3.18 -19.62 -21.63
CA GLN B 199 2.78 -18.33 -22.17
C GLN B 199 3.84 -17.27 -21.93
N LEU B 200 4.46 -17.29 -20.75
CA LEU B 200 5.45 -16.27 -20.38
C LEU B 200 6.75 -16.44 -21.15
N LEU B 201 7.29 -17.67 -21.16
CA LEU B 201 8.53 -17.95 -21.88
C LEU B 201 8.45 -17.61 -23.37
N LEU B 202 7.28 -17.24 -23.88
CA LEU B 202 7.19 -16.78 -25.26
C LEU B 202 7.39 -15.27 -25.37
N GLU B 203 7.55 -14.58 -24.26
CA GLU B 203 7.96 -13.18 -24.29
C GLU B 203 9.48 -13.11 -24.23
N PRO B 204 10.16 -12.61 -25.27
CA PRO B 204 11.62 -12.74 -25.31
C PRO B 204 12.35 -12.13 -24.13
N MET B 205 11.92 -10.96 -23.65
CA MET B 205 12.56 -10.37 -22.48
C MET B 205 12.43 -11.26 -21.25
N LEU B 206 11.32 -11.98 -21.10
CA LEU B 206 11.19 -12.85 -19.93
C LEU B 206 11.97 -14.14 -20.12
N LYS B 207 11.95 -14.70 -21.33
CA LYS B 207 12.78 -15.85 -21.61
C LYS B 207 14.26 -15.54 -21.35
N PHE B 208 14.71 -14.36 -21.76
CA PHE B 208 16.10 -13.95 -21.50
C PHE B 208 16.43 -14.08 -20.02
N HIS B 209 15.54 -13.59 -19.14
CA HIS B 209 15.88 -13.59 -17.72
C HIS B 209 15.96 -15.01 -17.16
N TYR B 210 15.04 -15.90 -17.56
CA TYR B 210 15.09 -17.29 -17.12
C TYR B 210 16.32 -18.00 -17.65
N MET B 211 16.60 -17.86 -18.95
CA MET B 211 17.77 -18.53 -19.50
C MET B 211 19.08 -18.02 -18.90
N LEU B 212 19.21 -16.70 -18.68
CA LEU B 212 20.47 -16.20 -18.13
C LEU B 212 20.66 -16.68 -16.70
N LYS B 213 19.61 -16.66 -15.91
CA LYS B 213 19.70 -17.12 -14.51
C LYS B 213 20.18 -18.57 -14.44
N LYS B 214 19.71 -19.43 -15.36
CA LYS B 214 20.06 -20.84 -15.31
C LYS B 214 21.56 -21.06 -15.49
N LEU B 215 22.22 -20.20 -16.27
CA LEU B 215 23.66 -20.37 -16.48
C LEU B 215 24.46 -20.26 -15.20
N GLN B 216 23.88 -19.68 -14.13
CA GLN B 216 24.52 -19.57 -12.83
C GLN B 216 25.88 -18.85 -12.90
N LEU B 217 25.89 -17.68 -13.53
CA LEU B 217 27.12 -16.92 -13.70
C LEU B 217 27.64 -16.35 -12.40
N HIS B 218 28.97 -16.23 -12.32
CA HIS B 218 29.64 -15.47 -11.26
C HIS B 218 29.54 -13.97 -11.52
N GLU B 219 29.76 -13.18 -10.46
CA GLU B 219 29.81 -11.72 -10.62
C GLU B 219 30.76 -11.33 -11.74
N GLU B 220 31.92 -12.01 -11.85
CA GLU B 220 32.92 -11.64 -12.83
C GLU B 220 32.37 -11.78 -14.24
N GLU B 221 31.58 -12.82 -14.48
CA GLU B 221 31.01 -13.03 -15.80
C GLU B 221 29.94 -12.00 -16.13
N TYR B 222 29.11 -11.63 -15.15
CA TYR B 222 28.14 -10.56 -15.40
C TYR B 222 28.82 -9.26 -15.75
N VAL B 223 29.87 -8.89 -15.00
CA VAL B 223 30.45 -7.57 -15.24
C VAL B 223 31.17 -7.56 -16.58
N LEU B 224 31.78 -8.68 -16.98
CA LEU B 224 32.39 -8.77 -18.30
C LEU B 224 31.34 -8.73 -19.41
N MET B 225 30.18 -9.39 -19.20
CA MET B 225 29.05 -9.19 -20.10
C MET B 225 28.69 -7.73 -20.23
N GLN B 226 28.66 -7.00 -19.11
CA GLN B 226 28.34 -5.58 -19.17
C GLN B 226 29.37 -4.82 -19.99
N ALA B 227 30.66 -5.13 -19.82
CA ALA B 227 31.72 -4.44 -20.57
C ALA B 227 31.62 -4.75 -22.06
N ILE B 228 31.44 -6.03 -22.42
CA ILE B 228 31.30 -6.40 -23.82
C ILE B 228 30.11 -5.69 -24.45
N SER B 229 29.00 -5.62 -23.72
CA SER B 229 27.85 -4.93 -24.26
C SER B 229 28.09 -3.42 -24.34
N LEU B 230 28.73 -2.84 -23.32
CA LEU B 230 28.99 -1.40 -23.35
C LEU B 230 29.88 -1.00 -24.53
N PHE B 231 30.89 -1.80 -24.84
CA PHE B 231 31.86 -1.43 -25.88
C PHE B 231 31.53 -2.11 -27.21
N SER B 232 30.31 -1.87 -27.70
CA SER B 232 29.89 -2.39 -28.99
C SER B 232 30.31 -1.43 -30.10
N PRO B 233 31.20 -1.83 -31.01
CA PRO B 233 31.68 -0.87 -32.03
C PRO B 233 30.57 -0.34 -32.92
N ASP B 234 29.53 -1.14 -33.18
CA ASP B 234 28.55 -0.85 -34.23
C ASP B 234 27.29 -0.16 -33.69
N ARG B 235 27.42 0.66 -32.66
CA ARG B 235 26.25 1.46 -32.28
C ARG B 235 26.15 2.69 -33.18
N PRO B 236 24.92 3.14 -33.44
CA PRO B 236 24.74 4.40 -34.17
C PRO B 236 25.59 5.51 -33.56
N GLY B 237 26.20 6.32 -34.42
CA GLY B 237 26.96 7.48 -33.98
C GLY B 237 28.37 7.19 -33.51
N VAL B 238 28.75 5.93 -33.37
CA VAL B 238 30.09 5.63 -32.88
C VAL B 238 31.09 5.94 -33.99
N LEU B 239 31.97 6.93 -33.73
CA LEU B 239 32.98 7.31 -34.70
C LEU B 239 34.19 6.39 -34.63
N GLN B 240 34.82 6.34 -33.46
CA GLN B 240 36.00 5.50 -33.26
C GLN B 240 35.68 4.02 -33.29
N HIS B 241 35.03 3.56 -34.36
CA HIS B 241 34.76 2.14 -34.54
CA HIS B 241 34.74 2.13 -34.52
C HIS B 241 35.94 1.26 -34.15
N ARG B 242 37.12 1.60 -34.68
CA ARG B 242 38.28 0.73 -34.54
C ARG B 242 38.72 0.61 -33.09
N VAL B 243 38.78 1.72 -32.36
CA VAL B 243 39.17 1.67 -30.95
C VAL B 243 38.21 0.80 -30.15
N VAL B 244 36.91 1.10 -30.24
CA VAL B 244 35.92 0.37 -29.47
C VAL B 244 35.99 -1.13 -29.77
N ASP B 245 36.13 -1.49 -31.05
CA ASP B 245 36.16 -2.90 -31.43
C ASP B 245 37.29 -3.66 -30.74
N GLN B 246 38.49 -3.07 -30.68
CA GLN B 246 39.64 -3.72 -30.05
C GLN B 246 39.44 -3.85 -28.54
N LEU B 247 38.77 -2.89 -27.91
CA LEU B 247 38.45 -3.03 -26.50
C LEU B 247 37.42 -4.13 -26.31
N GLN B 248 36.38 -4.15 -27.14
CA GLN B 248 35.39 -5.22 -27.03
C GLN B 248 36.05 -6.57 -27.12
N GLU B 249 37.05 -6.69 -28.00
CA GLU B 249 37.66 -7.98 -28.25
C GLU B 249 38.43 -8.46 -27.02
N GLN B 250 39.17 -7.55 -26.38
CA GLN B 250 39.93 -7.93 -25.19
C GLN B 250 39.03 -8.29 -24.00
N PHE B 251 37.86 -7.65 -23.87
CA PHE B 251 36.93 -8.10 -22.83
C PHE B 251 36.42 -9.50 -23.13
N ALA B 252 36.12 -9.78 -24.40
CA ALA B 252 35.63 -11.11 -24.77
C ALA B 252 36.71 -12.17 -24.58
N ILE B 253 37.96 -11.86 -24.95
CA ILE B 253 39.05 -12.81 -24.72
C ILE B 253 39.23 -13.06 -23.23
N THR B 254 39.14 -12.01 -22.42
CA THR B 254 39.28 -12.15 -20.97
C THR B 254 38.19 -13.01 -20.35
N LEU B 255 36.95 -12.85 -20.83
CA LEU B 255 35.85 -13.68 -20.33
C LEU B 255 36.10 -15.15 -20.65
N LYS B 256 36.42 -15.42 -21.91
CA LYS B 256 36.77 -16.76 -22.33
C LYS B 256 37.85 -17.37 -21.43
N SER B 257 38.93 -16.62 -21.15
CA SER B 257 39.98 -17.15 -20.29
C SER B 257 39.50 -17.31 -18.85
N TYR B 258 38.79 -16.32 -18.32
CA TYR B 258 38.23 -16.47 -16.99
C TYR B 258 37.41 -17.74 -16.90
N ILE B 259 36.61 -18.04 -17.94
CA ILE B 259 35.76 -19.21 -17.85
C ILE B 259 36.59 -20.49 -17.85
N GLU B 260 37.75 -20.48 -18.50
CA GLU B 260 38.59 -21.67 -18.52
C GLU B 260 39.39 -21.83 -17.24
N CYS B 261 39.87 -20.73 -16.65
CA CYS B 261 40.56 -20.83 -15.37
C CYS B 261 39.61 -20.93 -14.17
N ASN B 262 38.36 -21.47 -14.33
CA ASN B 262 37.41 -21.51 -13.20
C ASN B 262 36.17 -22.41 -13.29
N ARG B 263 35.87 -23.04 -14.42
CA ARG B 263 34.59 -23.75 -14.58
C ARG B 263 34.77 -25.08 -15.29
N PRO B 264 35.27 -26.11 -14.59
CA PRO B 264 35.63 -27.38 -15.24
C PRO B 264 34.46 -28.34 -15.48
N GLN B 265 33.29 -28.08 -14.91
CA GLN B 265 32.23 -29.07 -14.89
C GLN B 265 31.62 -29.24 -16.29
N PRO B 266 31.18 -30.47 -16.62
CA PRO B 266 30.47 -30.66 -17.90
C PRO B 266 29.15 -29.90 -17.99
N ALA B 267 28.63 -29.38 -16.86
CA ALA B 267 27.45 -28.52 -16.91
C ALA B 267 27.76 -27.20 -17.61
N HIS B 268 29.04 -26.83 -17.74
CA HIS B 268 29.44 -25.54 -18.26
C HIS B 268 30.19 -25.67 -19.60
N ARG B 269 29.94 -26.75 -20.34
CA ARG B 269 30.51 -26.84 -21.68
C ARG B 269 29.89 -25.75 -22.54
N PHE B 270 30.73 -25.08 -23.34
CA PHE B 270 30.27 -24.05 -24.25
C PHE B 270 29.79 -22.79 -23.53
N LEU B 271 30.15 -22.59 -22.26
CA LEU B 271 29.57 -21.48 -21.50
C LEU B 271 29.86 -20.13 -22.17
N PHE B 272 31.12 -19.92 -22.57
CA PHE B 272 31.48 -18.68 -23.24
C PHE B 272 30.61 -18.44 -24.48
N LEU B 273 30.39 -19.46 -25.30
CA LEU B 273 29.60 -19.24 -26.51
C LEU B 273 28.11 -19.02 -26.18
N LYS B 274 27.61 -19.68 -25.15
CA LYS B 274 26.24 -19.42 -24.72
C LYS B 274 26.08 -17.98 -24.28
N ILE B 275 27.04 -17.48 -23.48
CA ILE B 275 27.01 -16.09 -23.04
C ILE B 275 26.98 -15.16 -24.24
N MET B 276 27.91 -15.36 -25.19
CA MET B 276 27.96 -14.49 -26.36
C MET B 276 26.66 -14.50 -27.14
N ALA B 277 26.04 -15.68 -27.33
CA ALA B 277 24.73 -15.74 -28.01
C ALA B 277 23.65 -15.03 -27.19
N MET B 278 23.73 -15.15 -25.88
CA MET B 278 22.88 -14.38 -24.98
C MET B 278 23.01 -12.87 -25.22
N LEU B 279 24.24 -12.39 -25.40
CA LEU B 279 24.46 -10.95 -25.65
C LEU B 279 23.86 -10.50 -26.98
N THR B 280 23.92 -11.38 -27.99
CA THR B 280 23.26 -11.09 -29.27
C THR B 280 21.74 -11.06 -29.12
N GLU B 281 21.19 -11.99 -28.34
CA GLU B 281 19.74 -11.93 -28.07
C GLU B 281 19.37 -10.66 -27.29
N LEU B 282 20.20 -10.26 -26.32
CA LEU B 282 19.90 -9.05 -25.57
C LEU B 282 19.86 -7.82 -26.49
N ARG B 283 20.77 -7.76 -27.47
CA ARG B 283 20.76 -6.67 -28.44
C ARG B 283 19.46 -6.64 -29.25
N SER B 284 18.91 -7.81 -29.56
CA SER B 284 17.63 -7.83 -30.26
C SER B 284 16.48 -7.42 -29.33
N ILE B 285 16.49 -7.90 -28.09
CA ILE B 285 15.50 -7.48 -27.11
C ILE B 285 15.53 -5.96 -26.92
N ASN B 286 16.74 -5.37 -26.96
CA ASN B 286 16.87 -3.91 -26.85
C ASN B 286 16.10 -3.21 -27.98
N ALA B 287 16.33 -3.63 -29.22
CA ALA B 287 15.65 -2.99 -30.35
C ALA B 287 14.14 -3.12 -30.23
N GLN B 288 13.64 -4.28 -29.80
CA GLN B 288 12.21 -4.46 -29.62
C GLN B 288 11.69 -3.61 -28.46
N HIS B 289 12.45 -3.50 -27.37
CA HIS B 289 11.99 -2.70 -26.24
C HIS B 289 11.93 -1.22 -26.62
N THR B 290 12.85 -0.78 -27.47
CA THR B 290 12.83 0.61 -27.91
C THR B 290 11.58 0.90 -28.74
N GLN B 291 11.17 -0.03 -29.60
CA GLN B 291 9.94 0.19 -30.37
C GLN B 291 8.73 0.27 -29.45
N ARG B 292 8.57 -0.69 -28.53
CA ARG B 292 7.45 -0.66 -27.59
C ARG B 292 7.39 0.67 -26.85
N LEU B 293 8.54 1.13 -26.36
CA LEU B 293 8.58 2.32 -25.53
C LEU B 293 8.13 3.54 -26.32
N LEU B 294 8.51 3.61 -27.60
CA LEU B 294 8.15 4.77 -28.42
C LEU B 294 6.66 4.79 -28.74
N ARG B 295 6.07 3.63 -29.08
CA ARG B 295 4.63 3.54 -29.28
C ARG B 295 3.87 4.05 -28.06
N ILE B 296 4.20 3.55 -26.89
CA ILE B 296 3.46 3.90 -25.68
C ILE B 296 3.64 5.38 -25.36
N GLN B 297 4.84 5.90 -25.56
CA GLN B 297 5.08 7.32 -25.30
C GLN B 297 4.21 8.17 -26.22
N ASP B 298 3.88 7.63 -27.40
CA ASP B 298 3.11 8.38 -28.39
C ASP B 298 1.64 8.50 -27.97
N ILE B 299 1.05 7.45 -27.41
CA ILE B 299 -0.33 7.50 -26.95
C ILE B 299 -0.44 7.75 -25.45
N HIS B 300 0.68 8.01 -24.77
CA HIS B 300 0.62 8.20 -23.32
C HIS B 300 1.99 8.53 -22.73
N PRO B 301 2.37 9.80 -22.71
CA PRO B 301 3.71 10.17 -22.21
C PRO B 301 3.96 9.68 -20.79
N PHE B 302 5.22 9.35 -20.51
CA PHE B 302 5.60 8.84 -19.20
C PHE B 302 7.12 8.89 -19.02
N ALA B 303 7.86 9.06 -20.11
CA ALA B 303 9.32 8.97 -20.04
C ALA B 303 9.91 10.15 -19.29
N THR B 304 10.92 9.86 -18.47
CA THR B 304 11.71 10.91 -17.84
C THR B 304 12.56 11.64 -18.89
N PRO B 305 13.01 12.84 -18.57
CA PRO B 305 13.94 13.52 -19.50
C PRO B 305 15.19 12.70 -19.83
N LEU B 306 15.80 12.01 -18.86
CA LEU B 306 16.98 11.19 -19.18
C LEU B 306 16.63 10.06 -20.15
N MET B 307 15.50 9.37 -19.92
CA MET B 307 15.07 8.33 -20.86
C MET B 307 14.82 8.91 -22.25
N GLN B 308 14.20 10.08 -22.32
CA GLN B 308 13.95 10.68 -23.63
C GLN B 308 15.26 10.89 -24.38
N GLU B 309 16.31 11.32 -23.67
CA GLU B 309 17.61 11.44 -24.29
C GLU B 309 18.13 10.08 -24.77
N LEU B 310 18.11 9.08 -23.89
CA LEU B 310 18.73 7.79 -24.23
C LEU B 310 17.97 7.10 -25.36
N PHE B 311 16.64 7.16 -25.35
CA PHE B 311 15.84 6.40 -26.32
C PHE B 311 15.44 7.18 -27.56
N GLY B 312 15.71 8.49 -27.60
CA GLY B 312 15.54 9.26 -28.83
C GLY B 312 14.19 9.93 -28.99
N ILE B 313 13.75 10.64 -27.95
CA ILE B 313 12.47 11.32 -27.98
C ILE B 313 12.67 12.82 -27.84
N LEU B 327 25.40 16.85 -31.64
CA LEU B 327 25.17 15.58 -30.96
C LEU B 327 25.11 15.81 -29.45
N THR B 328 26.25 16.23 -28.89
CA THR B 328 26.30 16.56 -27.46
C THR B 328 25.25 17.60 -27.09
N GLU B 329 24.89 18.47 -28.03
CA GLU B 329 23.94 19.53 -27.73
C GLU B 329 22.56 18.97 -27.40
N ARG B 330 22.15 17.88 -28.07
CA ARG B 330 20.82 17.33 -27.91
C ARG B 330 20.71 16.32 -26.76
N HIS B 331 21.78 16.08 -26.00
CA HIS B 331 21.76 15.17 -24.85
C HIS B 331 22.35 15.88 -23.62
N LYS B 332 21.71 16.99 -23.24
CA LYS B 332 22.27 17.86 -22.21
C LYS B 332 22.57 17.10 -20.92
N ILE B 333 21.66 16.21 -20.50
CA ILE B 333 21.78 15.56 -19.20
C ILE B 333 22.93 14.55 -19.22
N LEU B 334 23.03 13.75 -20.28
CA LEU B 334 24.17 12.84 -20.43
C LEU B 334 25.49 13.60 -20.43
N HIS B 335 25.59 14.61 -21.28
CA HIS B 335 26.80 15.42 -21.35
C HIS B 335 27.19 15.93 -19.96
N ARG B 336 26.22 16.44 -19.20
CA ARG B 336 26.50 16.94 -17.86
C ARG B 336 27.01 15.82 -16.93
N LEU B 337 26.27 14.70 -16.86
CA LEU B 337 26.71 13.60 -15.97
C LEU B 337 28.09 13.07 -16.36
N LEU B 338 28.38 13.01 -17.64
CA LEU B 338 29.70 12.57 -18.08
C LEU B 338 30.80 13.58 -17.72
N GLN B 339 30.45 14.86 -17.58
CA GLN B 339 31.46 15.85 -17.20
C GLN B 339 31.71 15.89 -15.71
N GLU B 340 30.83 15.31 -14.90
CA GLU B 340 31.04 15.29 -13.47
C GLU B 340 32.01 14.18 -13.07
N GLY B 341 32.69 14.38 -11.94
CA GLY B 341 33.68 13.44 -11.45
C GLY B 341 33.15 12.09 -10.96
N SER B 342 33.94 11.41 -10.12
CA SER B 342 33.49 10.22 -9.39
C SER B 342 34.02 10.25 -7.96
C12 NQD C . -7.51 -0.29 17.97
C11 NQD C . -7.25 1.10 18.56
C01 NQD C . -7.70 0.23 20.86
C02 NQD C . -7.34 1.36 19.87
C03 NQD C . -7.10 2.79 20.39
C04 NQD C . -8.05 3.82 19.80
C05 NQD C . -7.58 4.17 18.38
C06 NQD C . -8.38 4.59 17.41
C07 NQD C . -7.74 4.90 16.06
C08 NQD C . -9.90 4.78 17.56
C13 NQD C . -8.84 -0.15 17.21
C14 NQD C . -9.14 -1.22 16.15
C15 NQD C . -8.02 -1.87 15.33
C16 NQD C . -10.41 -1.57 15.97
C17 NQD C . -10.92 -2.59 14.95
C18 NQD C . -12.41 -2.84 15.23
C19 NQD C . -13.45 -1.89 14.54
C20 NQD C . -14.53 -2.81 15.19
C21 NQD C . -12.81 -2.29 13.24
C22 NQD C . -12.94 -1.12 12.30
C23 NQD C . -12.63 0.20 13.05
C24 NQD C . -12.33 1.30 12.24
C25 NQD C . -12.04 2.52 12.82
C26 NQD C . -12.05 2.68 14.22
C27 NQD C . -12.34 1.58 15.03
C28 NQD C . -12.65 0.33 14.45
C30 NQD C . -12.34 1.74 16.56
O09 NQD C . -10.48 5.63 16.84
O10 NQD C . -10.59 4.11 18.37
O29 NQD C . -12.94 -0.81 15.31
O31 NQD C . -11.73 3.60 11.98
S DMS D . -27.99 -6.08 7.24
O DMS D . -26.78 -5.32 6.74
C1 DMS D . -27.48 -7.76 7.69
C2 DMS D . -28.41 -5.43 8.88
H11 DMS D . -28.33 -8.33 7.97
H12 DMS D . -26.80 -7.72 8.51
H13 DMS D . -27.01 -8.22 6.87
H21 DMS D . -29.30 -4.85 8.82
H22 DMS D . -27.63 -4.83 9.24
H23 DMS D . -28.58 -6.24 9.55
C12 NQD E . 7.03 -2.76 -19.17
C11 NQD E . 7.25 -1.57 -20.13
C01 NQD E . 7.84 -3.15 -21.97
C02 NQD E . 7.61 -1.74 -21.40
C03 NQD E . 7.81 -0.51 -22.31
C04 NQD E . 7.89 0.77 -21.48
C05 NQD E . 9.29 0.91 -20.90
C06 NQD E . 9.45 1.09 -19.60
C07 NQD E . 8.25 1.14 -18.67
C08 NQD E . 10.84 1.25 -18.99
C13 NQD E . 8.40 -3.36 -18.83
C14 NQD E . 8.32 -4.29 -17.59
C15 NQD E . 7.05 -4.33 -16.73
C16 NQD E . 9.39 -5.05 -17.34
C17 NQD E . 9.60 -6.04 -16.18
C18 NQD E . 11.00 -6.69 -16.28
C19 NQD E . 12.27 -5.89 -15.83
C20 NQD E . 13.05 -7.01 -16.57
C21 NQD E . 11.78 -6.12 -14.42
C22 NQD E . 11.72 -4.85 -13.62
C23 NQD E . 11.86 -3.57 -14.45
C24 NQD E . 11.92 -2.35 -13.73
C25 NQD E . 12.05 -1.15 -14.41
C26 NQD E . 12.13 -1.12 -15.82
C27 NQD E . 12.06 -2.32 -16.54
C28 NQD E . 11.92 -3.55 -15.84
C30 NQD E . 12.12 -2.30 -18.07
O09 NQD E . 11.91 1.02 -19.65
O10 NQD E . 10.89 1.59 -17.78
O29 NQD E . 11.87 -4.78 -16.60
O31 NQD E . 12.09 0.02 -13.65
S DMS F . 25.03 -13.35 -8.40
O DMS F . 24.30 -12.54 -7.35
C1 DMS F . 26.52 -14.08 -7.64
C2 DMS F . 24.13 -14.90 -8.67
H11 DMS F . 26.87 -13.43 -6.89
H12 DMS F . 27.26 -14.21 -8.38
H13 DMS F . 26.27 -15.01 -7.21
H21 DMS F . 23.41 -14.75 -9.44
H22 DMS F . 23.63 -15.19 -7.79
H23 DMS F . 24.81 -15.66 -8.96
S DMS G . 0.59 4.64 -1.41
O DMS G . 1.97 4.71 -0.84
C1 DMS G . -0.39 3.43 -0.46
C2 DMS G . -0.32 6.15 -0.97
H11 DMS G . 0.20 2.59 -0.24
H12 DMS G . -1.22 3.13 -1.04
H13 DMS G . -0.72 3.89 0.43
H21 DMS G . 0.05 6.95 -1.53
H22 DMS G . -0.19 6.35 0.06
H23 DMS G . -1.35 6.01 -1.17
#